data_2WK1
#
_entry.id   2WK1
#
_cell.length_a   51.813
_cell.length_b   46.038
_cell.length_c   61.220
_cell.angle_alpha   90.00
_cell.angle_beta   104.97
_cell.angle_gamma   90.00
#
_symmetry.space_group_name_H-M   'P 1 2 1'
#
loop_
_entity.id
_entity.type
_entity.pdbx_description
1 polymer NOVP
2 non-polymer S-ADENOSYL-L-HOMOCYSTEINE
3 non-polymer 'SULFATE ION'
4 non-polymer 1,2-ETHANEDIOL
5 water water
#
_entity_poly.entity_id   1
_entity_poly.type   'polypeptide(L)'
_entity_poly.pdbx_seq_one_letter_code
;MGSSHHHHHHSSGLVPRGSHMAPIVETAKETNSDSSLYLDLMIKVLAGTVYEDPAHRENFSHRDSTYREEVRNEGRDWPA
NAHTMIGIKRLENIRQCVEDVIGNNVPGDLVETGVWRGGACILMRGILRAHDVRDRTVWVADSFQGIPDVGEDGYAGDRK
MALHRRNSVLAVSEEEVRRNFRNYDLLDEQVRFLPGWFKDTLPTAPIDTLAVLRMDGDLYESTWDTLTNLYPKVSVGGYV
IVDDYMMCPPCKDAVDEYRAKFDIADELITIDRDGVYWQRTR
;
_entity_poly.pdbx_strand_id   A
#
# COMPACT_ATOMS: atom_id res chain seq x y z
N ASP A 34 -24.71 1.30 -2.96
CA ASP A 34 -24.63 0.95 -4.41
C ASP A 34 -23.17 0.96 -4.86
N SER A 35 -22.64 2.11 -5.25
CA SER A 35 -21.18 2.31 -5.10
C SER A 35 -20.86 1.96 -3.63
N SER A 36 -21.74 2.33 -2.69
CA SER A 36 -21.42 2.04 -1.34
C SER A 36 -21.58 0.57 -1.00
N LEU A 37 -22.61 -0.10 -1.51
CA LEU A 37 -22.73 -1.54 -1.34
C LEU A 37 -21.55 -2.27 -1.96
N TYR A 38 -21.16 -1.81 -3.16
CA TYR A 38 -20.04 -2.40 -3.86
C TYR A 38 -18.76 -2.30 -3.06
N LEU A 39 -18.42 -1.10 -2.58
CA LEU A 39 -17.14 -0.93 -1.88
C LEU A 39 -17.13 -1.64 -0.55
N ASP A 40 -18.27 -1.66 0.13
CA ASP A 40 -18.38 -2.42 1.36
C ASP A 40 -18.05 -3.91 1.11
N LEU A 41 -18.62 -4.46 0.06
CA LEU A 41 -18.41 -5.86 -0.28
C LEU A 41 -16.97 -6.09 -0.73
N MET A 42 -16.46 -5.18 -1.52
CA MET A 42 -15.10 -5.34 -1.94
C MET A 42 -14.10 -5.44 -0.81
N ILE A 43 -14.27 -4.60 0.22
CA ILE A 43 -13.37 -4.67 1.39
C ILE A 43 -13.44 -6.06 2.03
N LYS A 44 -14.65 -6.59 2.19
CA LYS A 44 -14.83 -7.90 2.80
C LYS A 44 -14.24 -9.05 1.96
N VAL A 45 -14.35 -8.91 0.65
CA VAL A 45 -13.82 -9.92 -0.26
C VAL A 45 -12.28 -9.86 -0.28
N LEU A 46 -11.76 -8.67 -0.40
CA LEU A 46 -10.31 -8.52 -0.53
C LEU A 46 -9.54 -9.07 0.68
N ALA A 47 -10.09 -8.85 1.87
CA ALA A 47 -9.48 -9.34 3.11
C ALA A 47 -9.87 -10.78 3.42
N GLY A 48 -10.86 -11.29 2.69
CA GLY A 48 -11.32 -12.65 2.90
C GLY A 48 -12.19 -12.89 4.10
N THR A 49 -12.76 -11.83 4.66
CA THR A 49 -13.70 -12.01 5.77
C THR A 49 -15.01 -12.67 5.29
N VAL A 50 -15.42 -12.39 4.05
CA VAL A 50 -16.73 -12.83 3.61
C VAL A 50 -16.77 -14.35 3.44
N TYR A 51 -15.62 -14.95 3.16
CA TYR A 51 -15.50 -16.40 3.02
C TYR A 51 -14.61 -17.04 4.06
N GLU A 52 -14.28 -16.29 5.12
CA GLU A 52 -13.54 -16.81 6.28
C GLU A 52 -12.24 -17.44 5.87
N ASP A 53 -11.48 -16.75 5.02
CA ASP A 53 -10.23 -17.30 4.55
C ASP A 53 -9.25 -17.50 5.71
N PRO A 54 -8.75 -18.73 5.91
CA PRO A 54 -7.81 -18.93 7.00
C PRO A 54 -6.47 -18.27 6.78
N ALA A 55 -5.68 -18.18 7.84
CA ALA A 55 -4.30 -17.73 7.72
C ALA A 55 -3.45 -18.75 6.92
N HIS A 56 -2.43 -18.23 6.23
CA HIS A 56 -1.52 -19.00 5.38
C HIS A 56 -0.85 -20.08 6.22
N ARG A 57 -0.64 -21.26 5.62
CA ARG A 57 0.09 -22.37 6.27
C ARG A 57 1.46 -21.90 6.81
N GLU A 58 2.08 -20.95 6.11
CA GLU A 58 3.33 -20.33 6.58
C GLU A 58 2.99 -19.09 7.41
N THR A 66 -6.21 -21.27 10.97
CA THR A 66 -7.59 -20.94 11.37
C THR A 66 -7.95 -19.52 10.92
N TYR A 67 -9.23 -19.28 10.72
CA TYR A 67 -9.74 -17.92 10.52
C TYR A 67 -10.18 -17.33 11.85
N ARG A 68 -9.66 -16.14 12.17
CA ARG A 68 -10.14 -15.38 13.33
C ARG A 68 -10.49 -13.98 12.89
N GLU A 69 -11.77 -13.63 12.97
CA GLU A 69 -12.24 -12.35 12.46
C GLU A 69 -11.54 -11.16 13.12
N GLU A 70 -11.27 -11.25 14.41
CA GLU A 70 -10.64 -10.14 15.11
C GLU A 70 -9.21 -9.89 14.58
N VAL A 71 -8.51 -10.96 14.23
CA VAL A 71 -7.16 -10.88 13.68
C VAL A 71 -7.22 -10.28 12.27
N ARG A 72 -8.16 -10.74 11.46
CA ARG A 72 -8.28 -10.24 10.08
C ARG A 72 -8.74 -8.79 10.07
N ASN A 73 -9.57 -8.40 11.04
CA ASN A 73 -10.04 -7.04 11.12
C ASN A 73 -8.93 -6.02 11.26
N GLU A 74 -7.85 -6.42 11.94
CA GLU A 74 -6.72 -5.55 12.19
C GLU A 74 -5.51 -5.87 11.32
N GLY A 75 -5.66 -6.80 10.39
CA GLY A 75 -4.58 -7.10 9.45
C GLY A 75 -3.38 -7.73 10.12
N ARG A 76 -3.64 -8.67 11.04
CA ARG A 76 -2.57 -9.25 11.83
C ARG A 76 -2.21 -10.67 11.47
N ASP A 77 -2.55 -11.07 10.26
CA ASP A 77 -2.12 -12.32 9.69
C ASP A 77 -1.86 -12.19 8.19
N TRP A 78 -1.35 -13.28 7.61
CA TRP A 78 -1.25 -13.41 6.16
C TRP A 78 -2.36 -14.34 5.69
N PRO A 79 -3.36 -13.84 4.95
CA PRO A 79 -4.38 -14.76 4.46
C PRO A 79 -3.83 -15.84 3.52
N ALA A 80 -4.36 -17.05 3.62
CA ALA A 80 -3.98 -18.13 2.75
C ALA A 80 -4.22 -17.86 1.27
N ASN A 81 -5.35 -17.21 0.98
CA ASN A 81 -5.76 -16.98 -0.41
C ASN A 81 -6.19 -15.55 -0.70
N ALA A 82 -6.60 -14.78 0.31
CA ALA A 82 -7.15 -13.47 0.08
C ALA A 82 -6.09 -12.52 -0.48
N HIS A 83 -6.57 -11.42 -1.06
CA HIS A 83 -5.75 -10.62 -1.93
C HIS A 83 -4.95 -9.50 -1.25
N THR A 84 -5.23 -9.25 0.04
CA THR A 84 -4.45 -8.32 0.83
C THR A 84 -4.25 -8.87 2.22
N MET A 85 -3.11 -8.48 2.80
CA MET A 85 -2.82 -8.79 4.21
C MET A 85 -3.10 -7.63 5.15
N ILE A 86 -3.54 -6.48 4.65
CA ILE A 86 -3.55 -5.28 5.49
C ILE A 86 -4.74 -5.22 6.44
N GLY A 87 -5.75 -6.04 6.22
CA GLY A 87 -6.89 -6.09 7.11
C GLY A 87 -7.98 -5.07 6.82
N ILE A 88 -9.09 -5.24 7.53
CA ILE A 88 -10.25 -4.39 7.30
C ILE A 88 -10.01 -2.91 7.64
N LYS A 89 -9.40 -2.65 8.81
CA LYS A 89 -9.21 -1.25 9.21
C LYS A 89 -8.29 -0.49 8.23
N ARG A 90 -7.21 -1.11 7.78
CA ARG A 90 -6.35 -0.45 6.83
C ARG A 90 -7.00 -0.32 5.43
N LEU A 91 -7.85 -1.29 5.04
CA LEU A 91 -8.62 -1.12 3.80
C LEU A 91 -9.61 0.04 3.92
N GLU A 92 -10.29 0.12 5.07
CA GLU A 92 -11.20 1.22 5.31
C GLU A 92 -10.49 2.58 5.27
N ASN A 93 -9.25 2.63 5.78
CA ASN A 93 -8.45 3.85 5.67
C ASN A 93 -8.17 4.25 4.24
N ILE A 94 -7.83 3.28 3.39
CA ILE A 94 -7.65 3.58 1.96
C ILE A 94 -8.93 4.18 1.39
N ARG A 95 -10.07 3.55 1.68
CA ARG A 95 -11.34 4.05 1.18
C ARG A 95 -11.60 5.49 1.63
N GLN A 96 -11.40 5.74 2.92
CA GLN A 96 -11.65 7.09 3.42
C GLN A 96 -10.74 8.12 2.76
N CYS A 97 -9.45 7.81 2.63
CA CYS A 97 -8.52 8.76 2.02
C CYS A 97 -8.83 8.99 0.54
N VAL A 98 -9.07 7.92 -0.19
CA VAL A 98 -9.33 8.07 -1.62
C VAL A 98 -10.67 8.79 -1.83
N GLU A 99 -11.70 8.43 -1.08
CA GLU A 99 -12.97 9.17 -1.21
C GLU A 99 -12.80 10.64 -0.85
N ASP A 100 -11.97 10.96 0.13
CA ASP A 100 -11.78 12.36 0.52
C ASP A 100 -11.06 13.14 -0.59
N VAL A 101 -10.05 12.55 -1.22
CA VAL A 101 -9.37 13.25 -2.32
C VAL A 101 -10.29 13.44 -3.52
N ILE A 102 -11.16 12.46 -3.77
CA ILE A 102 -12.14 12.60 -4.85
C ILE A 102 -13.14 13.68 -4.48
N GLY A 103 -13.68 13.64 -3.27
CA GLY A 103 -14.71 14.62 -2.86
C GLY A 103 -14.21 16.04 -2.78
N ASN A 104 -12.93 16.21 -2.48
CA ASN A 104 -12.31 17.54 -2.41
C ASN A 104 -11.53 17.92 -3.66
N ASN A 105 -11.60 17.09 -4.68
CA ASN A 105 -10.91 17.33 -5.93
C ASN A 105 -9.43 17.66 -5.75
N VAL A 106 -8.77 16.91 -4.87
CA VAL A 106 -7.33 17.02 -4.73
C VAL A 106 -6.69 16.33 -5.94
N PRO A 107 -5.86 17.03 -6.72
CA PRO A 107 -5.33 16.39 -7.93
C PRO A 107 -4.36 15.27 -7.63
N GLY A 108 -4.32 14.28 -8.52
CA GLY A 108 -3.26 13.30 -8.52
C GLY A 108 -3.70 11.86 -8.69
N ASP A 109 -2.69 11.05 -9.02
CA ASP A 109 -2.86 9.62 -9.12
C ASP A 109 -2.77 8.97 -7.74
N LEU A 110 -3.00 7.65 -7.72
CA LEU A 110 -2.94 6.87 -6.50
C LEU A 110 -1.79 5.87 -6.69
N VAL A 111 -1.01 5.59 -5.65
CA VAL A 111 0.05 4.61 -5.75
C VAL A 111 0.18 3.79 -4.50
N GLU A 112 0.51 2.52 -4.65
CA GLU A 112 1.01 1.70 -3.56
C GLU A 112 2.37 1.18 -3.90
N THR A 113 3.31 1.39 -2.99
CA THR A 113 4.65 0.85 -3.07
C THR A 113 4.76 -0.37 -2.17
N GLY A 114 4.62 -1.55 -2.75
CA GLY A 114 4.62 -2.82 -2.05
C GLY A 114 3.22 -3.35 -2.03
N VAL A 115 2.94 -4.29 -2.93
CA VAL A 115 1.56 -4.66 -3.24
C VAL A 115 1.17 -6.12 -2.96
N TRP A 116 2.15 -7.00 -2.81
CA TRP A 116 1.88 -8.44 -2.59
C TRP A 116 0.91 -8.96 -3.65
N ARG A 117 -0.23 -9.54 -3.25
CA ARG A 117 -1.19 -10.07 -4.21
C ARG A 117 -2.02 -9.01 -4.93
N GLY A 118 -1.88 -7.75 -4.50
CA GLY A 118 -2.48 -6.63 -5.19
C GLY A 118 -3.75 -6.06 -4.62
N GLY A 119 -4.23 -6.61 -3.51
CA GLY A 119 -5.55 -6.23 -3.03
C GLY A 119 -5.76 -4.77 -2.67
N ALA A 120 -4.77 -4.12 -2.08
CA ALA A 120 -4.93 -2.69 -1.75
C ALA A 120 -5.06 -1.84 -3.02
N CYS A 121 -4.31 -2.20 -4.05
CA CYS A 121 -4.39 -1.51 -5.32
C CYS A 121 -5.67 -1.84 -6.07
N ILE A 122 -6.19 -3.06 -5.94
CA ILE A 122 -7.49 -3.40 -6.50
C ILE A 122 -8.55 -2.54 -5.86
N LEU A 123 -8.51 -2.39 -4.53
CA LEU A 123 -9.45 -1.48 -3.89
C LEU A 123 -9.37 -0.06 -4.44
N MET A 124 -8.16 0.47 -4.57
CA MET A 124 -8.01 1.82 -5.12
C MET A 124 -8.69 1.93 -6.48
N ARG A 125 -8.46 0.95 -7.36
CA ARG A 125 -9.09 1.01 -8.67
C ARG A 125 -10.61 0.88 -8.56
N GLY A 126 -11.07 0.03 -7.66
CA GLY A 126 -12.51 -0.11 -7.43
C GLY A 126 -13.18 1.14 -6.93
N ILE A 127 -12.52 1.91 -6.08
CA ILE A 127 -13.09 3.15 -5.58
C ILE A 127 -13.24 4.12 -6.75
N LEU A 128 -12.22 4.19 -7.61
CA LEU A 128 -12.32 5.05 -8.79
C LEU A 128 -13.53 4.61 -9.64
N ARG A 129 -13.68 3.31 -9.85
CA ARG A 129 -14.79 2.79 -10.64
C ARG A 129 -16.15 3.13 -10.03
N ALA A 130 -16.24 2.99 -8.70
CA ALA A 130 -17.49 3.24 -8.00
C ALA A 130 -17.94 4.66 -8.18
N HIS A 131 -16.99 5.59 -8.31
CA HIS A 131 -17.30 7.01 -8.43
C HIS A 131 -17.19 7.51 -9.86
N ASP A 132 -17.04 6.59 -10.80
CA ASP A 132 -16.88 6.89 -12.22
C ASP A 132 -15.81 7.93 -12.50
N VAL A 133 -14.66 7.75 -11.85
CA VAL A 133 -13.53 8.62 -12.04
C VAL A 133 -12.65 8.04 -13.15
N ARG A 134 -12.48 8.79 -14.22
CA ARG A 134 -11.82 8.30 -15.43
C ARG A 134 -10.47 8.96 -15.66
N ASP A 135 -10.09 9.92 -14.82
CA ASP A 135 -8.89 10.76 -15.06
C ASP A 135 -7.81 10.61 -13.98
N ARG A 136 -7.85 9.50 -13.25
CA ARG A 136 -6.78 9.13 -12.31
C ARG A 136 -6.33 7.71 -12.58
N THR A 137 -5.05 7.46 -12.38
CA THR A 137 -4.43 6.16 -12.53
C THR A 137 -4.02 5.61 -11.17
N VAL A 138 -4.16 4.29 -11.02
CA VAL A 138 -3.60 3.54 -9.92
C VAL A 138 -2.27 2.90 -10.36
N TRP A 139 -1.18 3.28 -9.69
CA TRP A 139 0.15 2.77 -9.93
C TRP A 139 0.49 1.67 -8.93
N VAL A 140 0.90 0.54 -9.49
CA VAL A 140 1.15 -0.70 -8.75
C VAL A 140 2.64 -0.96 -8.78
N ALA A 141 3.35 -0.58 -7.71
CA ALA A 141 4.81 -0.61 -7.67
C ALA A 141 5.32 -1.73 -6.78
N ASP A 142 6.10 -2.65 -7.35
CA ASP A 142 6.61 -3.79 -6.61
C ASP A 142 7.75 -4.39 -7.40
N SER A 143 8.63 -5.10 -6.69
CA SER A 143 9.59 -5.95 -7.37
C SER A 143 8.96 -7.12 -8.11
N PHE A 144 7.79 -7.57 -7.63
CA PHE A 144 7.13 -8.80 -8.03
C PHE A 144 8.04 -9.99 -7.81
N GLN A 145 8.99 -9.82 -6.87
CA GLN A 145 9.99 -10.83 -6.51
C GLN A 145 10.21 -10.86 -5.00
N GLY A 146 9.33 -10.21 -4.24
CA GLY A 146 9.50 -10.14 -2.81
C GLY A 146 10.47 -9.04 -2.34
N ILE A 147 10.76 -9.10 -1.05
CA ILE A 147 11.62 -8.13 -0.41
C ILE A 147 13.10 -8.34 -0.84
N PRO A 148 13.83 -7.25 -1.10
CA PRO A 148 15.24 -7.43 -1.50
C PRO A 148 16.08 -7.96 -0.36
N ASP A 149 17.11 -8.72 -0.70
CA ASP A 149 18.13 -9.09 0.25
C ASP A 149 19.10 -7.93 0.36
N VAL A 150 19.05 -7.19 1.47
CA VAL A 150 19.78 -5.93 1.59
C VAL A 150 21.29 -6.11 1.68
N GLY A 151 21.72 -7.32 2.05
CA GLY A 151 23.15 -7.67 2.04
C GLY A 151 23.91 -7.00 3.17
N GLU A 152 25.23 -7.17 3.13
CA GLU A 152 26.09 -6.68 4.21
C GLU A 152 26.14 -5.15 4.34
N ASP A 153 25.86 -4.43 3.25
CA ASP A 153 25.86 -2.97 3.28
C ASP A 153 24.46 -2.34 3.53
N GLY A 154 23.46 -3.18 3.80
CA GLY A 154 22.14 -2.64 4.15
C GLY A 154 22.11 -1.88 5.46
N TYR A 155 21.06 -1.10 5.67
CA TYR A 155 20.76 -0.49 6.98
C TYR A 155 20.76 -1.58 8.05
N ALA A 156 21.40 -1.30 9.18
CA ALA A 156 21.57 -2.31 10.22
C ALA A 156 20.23 -2.94 10.62
N GLY A 157 19.21 -2.11 10.77
CA GLY A 157 17.89 -2.61 11.16
C GLY A 157 17.27 -3.52 10.11
N ASP A 158 17.56 -3.26 8.84
CA ASP A 158 17.05 -4.09 7.76
C ASP A 158 17.79 -5.42 7.74
N ARG A 159 19.12 -5.37 7.95
CA ARG A 159 19.92 -6.60 7.96
C ARG A 159 19.47 -7.54 9.06
N LYS A 160 19.20 -6.99 10.23
CA LYS A 160 18.78 -7.79 11.38
C LYS A 160 17.46 -8.51 11.15
N MET A 161 16.56 -7.90 10.40
CA MET A 161 15.24 -8.50 10.13
C MET A 161 15.30 -9.66 9.14
N ALA A 162 16.21 -9.60 8.16
CA ALA A 162 16.35 -10.65 7.13
C ALA A 162 14.99 -11.01 6.51
N LEU A 163 14.23 -9.99 6.14
CA LEU A 163 12.85 -10.20 5.70
C LEU A 163 12.77 -10.88 4.34
N HIS A 164 13.84 -10.83 3.54
CA HIS A 164 13.87 -11.58 2.30
C HIS A 164 13.67 -13.07 2.51
N ARG A 165 13.95 -13.56 3.72
CA ARG A 165 13.70 -14.97 4.00
C ARG A 165 12.22 -15.31 3.94
N ARG A 166 11.34 -14.31 4.03
CA ARG A 166 9.87 -14.51 3.96
C ARG A 166 9.35 -14.51 2.51
N ASN A 167 10.24 -14.46 1.53
CA ASN A 167 9.80 -14.39 0.14
C ASN A 167 9.01 -15.58 -0.40
N SER A 168 9.09 -16.73 0.27
CA SER A 168 8.24 -17.85 -0.15
C SER A 168 6.76 -17.43 -0.14
N VAL A 169 6.40 -16.57 0.80
CA VAL A 169 5.05 -16.00 0.86
C VAL A 169 4.98 -14.63 0.16
N LEU A 170 5.99 -13.80 0.36
CA LEU A 170 5.92 -12.40 -0.06
C LEU A 170 6.18 -12.13 -1.53
N ALA A 171 6.86 -13.03 -2.23
CA ALA A 171 7.07 -12.89 -3.67
C ALA A 171 5.84 -13.31 -4.45
N VAL A 172 5.25 -12.36 -5.17
CA VAL A 172 4.08 -12.63 -6.00
C VAL A 172 4.35 -12.01 -7.36
N SER A 173 4.22 -12.82 -8.41
CA SER A 173 4.55 -12.36 -9.75
C SER A 173 3.56 -11.32 -10.28
N GLU A 174 4.01 -10.54 -11.25
CA GLU A 174 3.14 -9.58 -11.89
C GLU A 174 1.99 -10.28 -12.61
N GLU A 175 2.24 -11.47 -13.17
CA GLU A 175 1.17 -12.19 -13.83
C GLU A 175 0.04 -12.52 -12.84
N GLU A 176 0.41 -12.95 -11.64
CA GLU A 176 -0.58 -13.24 -10.61
C GLU A 176 -1.35 -12.01 -10.18
N VAL A 177 -0.65 -10.89 -10.00
CA VAL A 177 -1.33 -9.64 -9.64
C VAL A 177 -2.28 -9.19 -10.74
N ARG A 178 -1.81 -9.23 -11.99
CA ARG A 178 -2.68 -8.91 -13.11
C ARG A 178 -3.94 -9.79 -13.16
N ARG A 179 -3.75 -11.10 -12.97
CA ARG A 179 -4.87 -12.00 -12.95
C ARG A 179 -5.85 -11.62 -11.84
N ASN A 180 -5.32 -11.25 -10.68
CA ASN A 180 -6.19 -10.86 -9.57
C ASN A 180 -7.03 -9.62 -9.94
N PHE A 181 -6.41 -8.62 -10.57
CA PHE A 181 -7.18 -7.47 -11.05
C PHE A 181 -8.28 -7.92 -12.05
N ARG A 182 -7.90 -8.82 -12.97
CA ARG A 182 -8.86 -9.30 -13.94
C ARG A 182 -10.04 -10.04 -13.30
N ASN A 183 -9.77 -10.74 -12.19
CA ASN A 183 -10.81 -11.49 -11.48
C ASN A 183 -11.93 -10.56 -10.98
N TYR A 184 -11.56 -9.32 -10.67
CA TYR A 184 -12.54 -8.29 -10.24
C TYR A 184 -13.05 -7.45 -11.39
N ASP A 185 -12.60 -7.76 -12.61
CA ASP A 185 -12.90 -6.95 -13.76
C ASP A 185 -12.41 -5.55 -13.67
N LEU A 186 -11.23 -5.40 -13.11
CA LEU A 186 -10.65 -4.08 -12.90
C LEU A 186 -9.28 -3.90 -13.57
N LEU A 187 -8.89 -4.81 -14.45
CA LEU A 187 -7.62 -4.64 -15.18
C LEU A 187 -7.90 -3.84 -16.45
N ASP A 188 -7.66 -2.55 -16.40
CA ASP A 188 -7.94 -1.69 -17.56
C ASP A 188 -6.90 -0.59 -17.67
N GLU A 189 -7.17 0.41 -18.50
CA GLU A 189 -6.20 1.42 -18.77
C GLU A 189 -5.82 2.30 -17.59
N GLN A 190 -6.65 2.32 -16.55
CA GLN A 190 -6.37 3.16 -15.38
C GLN A 190 -5.54 2.44 -14.33
N VAL A 191 -5.00 1.26 -14.63
CA VAL A 191 -4.07 0.56 -13.79
C VAL A 191 -2.75 0.50 -14.52
N ARG A 192 -1.67 0.94 -13.88
CA ARG A 192 -0.34 0.91 -14.44
C ARG A 192 0.62 0.28 -13.45
N PHE A 193 1.62 -0.39 -13.97
CA PHE A 193 2.53 -1.20 -13.18
C PHE A 193 3.93 -0.63 -13.26
N LEU A 194 4.62 -0.65 -12.13
CA LEU A 194 6.02 -0.23 -12.04
C LEU A 194 6.80 -1.40 -11.44
N PRO A 195 7.19 -2.35 -12.30
CA PRO A 195 7.90 -3.53 -11.82
C PRO A 195 9.36 -3.22 -11.64
N GLY A 196 9.91 -3.68 -10.52
CA GLY A 196 11.34 -3.59 -10.24
C GLY A 196 11.61 -3.12 -8.81
N TRP A 197 12.88 -3.06 -8.44
CA TRP A 197 13.25 -2.56 -7.16
C TRP A 197 12.97 -1.05 -7.11
N PHE A 198 12.44 -0.57 -5.99
CA PHE A 198 12.10 0.86 -5.88
C PHE A 198 13.27 1.78 -6.20
N LYS A 199 14.48 1.38 -5.85
CA LYS A 199 15.64 2.26 -6.12
C LYS A 199 15.85 2.43 -7.61
N ASP A 200 15.38 1.47 -8.40
CA ASP A 200 15.53 1.50 -9.86
C ASP A 200 14.32 2.13 -10.54
N THR A 201 13.13 1.93 -9.98
CA THR A 201 11.89 2.34 -10.66
C THR A 201 11.36 3.72 -10.27
N LEU A 202 11.53 4.11 -9.00
CA LEU A 202 10.85 5.31 -8.52
C LEU A 202 11.48 6.65 -8.96
N PRO A 203 12.82 6.71 -9.09
CA PRO A 203 13.38 7.99 -9.55
C PRO A 203 12.88 8.45 -10.91
N THR A 204 12.54 7.52 -11.79
CA THR A 204 12.07 7.82 -13.15
C THR A 204 10.59 7.48 -13.40
N ALA A 205 9.84 7.12 -12.36
CA ALA A 205 8.44 6.80 -12.55
C ALA A 205 7.73 7.99 -13.19
N PRO A 206 6.95 7.76 -14.27
CA PRO A 206 6.34 8.88 -14.96
C PRO A 206 5.03 9.32 -14.34
N ILE A 207 5.13 9.64 -13.06
CA ILE A 207 4.02 10.12 -12.27
C ILE A 207 4.26 11.61 -12.07
N ASP A 208 3.25 12.40 -12.37
CA ASP A 208 3.32 13.84 -12.23
C ASP A 208 2.96 14.26 -10.79
N THR A 209 1.77 13.88 -10.35
CA THR A 209 1.33 14.24 -9.03
C THR A 209 0.54 13.09 -8.47
N LEU A 210 0.54 13.06 -7.13
CA LEU A 210 -0.10 12.00 -6.36
C LEU A 210 -1.09 12.61 -5.36
N ALA A 211 -2.27 12.02 -5.32
CA ALA A 211 -3.24 12.34 -4.29
C ALA A 211 -3.16 11.41 -3.08
N VAL A 212 -2.79 10.14 -3.29
CA VAL A 212 -2.57 9.19 -2.18
C VAL A 212 -1.31 8.41 -2.48
N LEU A 213 -0.39 8.39 -1.52
CA LEU A 213 0.82 7.60 -1.54
C LEU A 213 0.73 6.59 -0.41
N ARG A 214 0.55 5.31 -0.72
CA ARG A 214 0.48 4.25 0.30
C ARG A 214 1.79 3.48 0.26
N MET A 215 2.46 3.41 1.39
CA MET A 215 3.77 2.79 1.52
C MET A 215 3.66 1.51 2.31
N ASP A 216 4.11 0.40 1.74
CA ASP A 216 4.05 -0.90 2.39
C ASP A 216 5.21 -1.75 1.92
N GLY A 217 6.41 -1.24 2.09
CA GLY A 217 7.63 -1.89 1.61
C GLY A 217 8.50 -2.54 2.65
N ASP A 218 8.05 -2.56 3.91
CA ASP A 218 8.64 -3.36 5.01
C ASP A 218 10.04 -3.02 5.54
N LEU A 219 10.86 -2.31 4.78
CA LEU A 219 12.26 -2.01 5.16
C LEU A 219 12.52 -0.54 5.28
N TYR A 220 13.55 -0.19 6.04
CA TYR A 220 14.01 1.19 6.09
C TYR A 220 14.34 1.66 4.69
N GLU A 221 15.10 0.86 3.93
CA GLU A 221 15.55 1.36 2.64
C GLU A 221 14.42 1.53 1.65
N SER A 222 13.47 0.61 1.66
CA SER A 222 12.32 0.70 0.80
C SER A 222 11.51 1.93 1.11
N THR A 223 11.32 2.20 2.40
CA THR A 223 10.53 3.35 2.84
C THR A 223 11.22 4.67 2.52
N TRP A 224 12.52 4.73 2.77
CA TRP A 224 13.29 5.92 2.46
C TRP A 224 13.26 6.21 0.97
N ASP A 225 13.45 5.18 0.16
CA ASP A 225 13.45 5.39 -1.31
C ASP A 225 12.07 5.80 -1.84
N THR A 226 11.02 5.33 -1.18
CA THR A 226 9.69 5.74 -1.55
C THR A 226 9.46 7.20 -1.21
N LEU A 227 9.74 7.58 0.03
CA LEU A 227 9.51 8.96 0.42
C LEU A 227 10.36 9.94 -0.41
N THR A 228 11.64 9.63 -0.56
CA THR A 228 12.52 10.60 -1.22
C THR A 228 12.06 10.86 -2.66
N ASN A 229 11.63 9.81 -3.35
CA ASN A 229 11.25 9.95 -4.76
C ASN A 229 9.81 10.38 -4.98
N LEU A 230 8.89 9.98 -4.08
CA LEU A 230 7.48 10.21 -4.32
C LEU A 230 6.81 11.25 -3.45
N TYR A 231 7.32 11.52 -2.25
CA TYR A 231 6.67 12.54 -1.43
C TYR A 231 6.60 13.92 -2.11
N PRO A 232 7.65 14.31 -2.85
CA PRO A 232 7.53 15.61 -3.51
C PRO A 232 6.39 15.73 -4.53
N LYS A 233 5.85 14.60 -4.97
CA LYS A 233 4.72 14.58 -5.91
C LYS A 233 3.36 14.71 -5.24
N VAL A 234 3.30 14.57 -3.90
CA VAL A 234 2.03 14.55 -3.20
C VAL A 234 1.43 15.96 -3.13
N SER A 235 0.21 16.09 -3.63
CA SER A 235 -0.50 17.35 -3.62
C SER A 235 -0.87 17.80 -2.21
N VAL A 236 -1.02 19.11 -2.05
CA VAL A 236 -1.60 19.64 -0.82
C VAL A 236 -3.03 19.13 -0.75
N GLY A 237 -3.39 18.55 0.40
CA GLY A 237 -4.67 17.90 0.58
C GLY A 237 -4.59 16.39 0.42
N GLY A 238 -3.48 15.90 -0.13
CA GLY A 238 -3.28 14.48 -0.34
C GLY A 238 -2.78 13.79 0.91
N TYR A 239 -2.70 12.48 0.83
CA TYR A 239 -2.39 11.63 1.96
C TYR A 239 -1.21 10.74 1.73
N VAL A 240 -0.44 10.54 2.79
CA VAL A 240 0.60 9.52 2.87
C VAL A 240 0.22 8.52 3.91
N ILE A 241 0.12 7.27 3.51
CA ILE A 241 -0.26 6.17 4.41
C ILE A 241 0.98 5.29 4.64
N VAL A 242 1.28 4.99 5.89
CA VAL A 242 2.41 4.15 6.28
C VAL A 242 1.81 2.88 6.88
N ASP A 243 1.96 1.76 6.19
CA ASP A 243 1.32 0.53 6.59
C ASP A 243 1.78 0.01 7.93
N ASP A 244 3.09 0.04 8.14
CA ASP A 244 3.78 -0.70 9.21
C ASP A 244 4.68 0.33 9.86
N TYR A 245 4.12 1.05 10.82
CA TYR A 245 4.85 2.11 11.53
C TYR A 245 5.07 1.75 12.99
N MET A 246 4.00 1.48 13.70
CA MET A 246 4.15 1.36 15.14
C MET A 246 5.06 0.23 15.58
N MET A 247 5.01 -0.90 14.88
CA MET A 247 5.71 -2.10 15.33
C MET A 247 6.88 -2.48 14.44
N CYS A 248 7.30 -1.56 13.56
CA CYS A 248 8.43 -1.81 12.66
C CYS A 248 9.52 -0.78 12.90
N PRO A 249 10.52 -1.11 13.73
CA PRO A 249 11.52 -0.10 14.06
C PRO A 249 12.22 0.55 12.85
N PRO A 250 12.61 -0.24 11.84
CA PRO A 250 13.31 0.41 10.72
C PRO A 250 12.39 1.31 9.89
N CYS A 251 11.12 0.93 9.77
CA CYS A 251 10.17 1.73 9.02
C CYS A 251 9.88 3.01 9.77
N LYS A 252 9.69 2.88 11.09
CA LYS A 252 9.51 4.04 11.96
C LYS A 252 10.73 4.99 11.86
N ASP A 253 11.92 4.41 11.85
CA ASP A 253 13.13 5.22 11.67
C ASP A 253 13.11 6.04 10.36
N ALA A 254 12.77 5.39 9.25
CA ALA A 254 12.77 6.07 7.95
C ALA A 254 11.73 7.19 7.88
N VAL A 255 10.51 6.92 8.37
CA VAL A 255 9.45 7.93 8.32
C VAL A 255 9.80 9.11 9.20
N ASP A 256 10.28 8.80 10.42
CA ASP A 256 10.60 9.89 11.33
C ASP A 256 11.78 10.71 10.83
N GLU A 257 12.79 10.04 10.28
CA GLU A 257 13.94 10.79 9.77
C GLU A 257 13.59 11.66 8.58
N TYR A 258 12.77 11.15 7.68
CA TYR A 258 12.38 11.94 6.52
C TYR A 258 11.57 13.16 6.94
N ARG A 259 10.62 12.94 7.85
CA ARG A 259 9.79 14.04 8.33
C ARG A 259 10.61 15.11 9.07
N ALA A 260 11.58 14.67 9.86
CA ALA A 260 12.46 15.61 10.57
C ALA A 260 13.33 16.38 9.58
N LYS A 261 13.92 15.66 8.63
CA LYS A 261 14.81 16.30 7.64
C LYS A 261 14.13 17.39 6.83
N PHE A 262 12.87 17.16 6.44
CA PHE A 262 12.12 18.08 5.60
C PHE A 262 11.09 18.93 6.34
N ASP A 263 11.18 18.95 7.67
CA ASP A 263 10.30 19.74 8.51
C ASP A 263 8.83 19.54 8.18
N ILE A 264 8.45 18.27 8.09
CA ILE A 264 7.06 17.93 7.84
C ILE A 264 6.39 17.80 9.20
N ALA A 265 5.52 18.74 9.54
CA ALA A 265 4.88 18.74 10.87
C ALA A 265 3.43 18.25 10.84
N ASP A 266 2.90 17.94 9.65
CA ASP A 266 1.56 17.40 9.56
C ASP A 266 1.49 16.14 10.42
N GLU A 267 0.54 16.11 11.35
CA GLU A 267 0.51 15.08 12.37
C GLU A 267 0.20 13.69 11.83
N LEU A 268 0.86 12.71 12.44
CA LEU A 268 0.58 11.29 12.17
C LEU A 268 -0.63 10.84 12.94
N ILE A 269 -1.58 10.25 12.24
CA ILE A 269 -2.81 9.74 12.80
C ILE A 269 -2.83 8.24 12.72
N THR A 270 -3.21 7.59 13.78
CA THR A 270 -3.22 6.14 13.77
C THR A 270 -4.41 5.55 13.02
N ILE A 271 -4.22 4.34 12.52
CA ILE A 271 -5.28 3.57 11.85
C ILE A 271 -5.74 2.36 12.66
N ASP A 272 -4.78 1.58 13.09
CA ASP A 272 -5.06 0.34 13.81
C ASP A 272 -3.94 0.08 14.81
N ARG A 273 -3.48 -1.16 14.98
CA ARG A 273 -2.37 -1.43 15.88
C ARG A 273 -1.03 -1.24 15.18
N ASP A 274 -1.04 -0.89 13.88
CA ASP A 274 0.20 -0.85 13.06
C ASP A 274 0.35 0.42 12.25
N GLY A 275 -0.66 0.77 11.48
CA GLY A 275 -0.51 1.84 10.49
C GLY A 275 -0.80 3.22 11.01
N VAL A 276 -0.24 4.20 10.32
CA VAL A 276 -0.53 5.62 10.54
C VAL A 276 -0.64 6.31 9.17
N TYR A 277 -1.13 7.55 9.16
CA TYR A 277 -1.17 8.34 7.96
C TYR A 277 -1.09 9.81 8.28
N TRP A 278 -0.79 10.62 7.29
CA TRP A 278 -0.92 12.05 7.43
C TRP A 278 -1.47 12.67 6.18
N GLN A 279 -1.99 13.89 6.33
CA GLN A 279 -2.46 14.69 5.24
C GLN A 279 -1.50 15.84 5.06
N ARG A 280 -1.07 16.06 3.82
CA ARG A 280 -0.20 17.19 3.56
C ARG A 280 -0.98 18.49 3.51
N THR A 281 -0.55 19.48 4.30
CA THR A 281 -1.24 20.76 4.29
C THR A 281 -0.36 21.89 3.77
N ARG A 282 0.92 21.63 3.58
CA ARG A 282 1.86 22.66 3.15
C ARG A 282 2.99 22.07 2.32
#